data_2KY0
#
_entry.id   2KY0
#
_entity_poly.entity_id   1
_entity_poly.type   'polyribonucleotide'
_entity_poly.pdbx_seq_one_letter_code
;GACGAGCGUCA
;
_entity_poly.pdbx_strand_id   A,B
#
loop_
_chem_comp.id
_chem_comp.type
_chem_comp.name
_chem_comp.formula
A RNA linking ADENOSINE-5'-MONOPHOSPHATE 'C10 H14 N5 O7 P'
C RNA linking CYTIDINE-5'-MONOPHOSPHATE 'C9 H14 N3 O8 P'
G RNA linking GUANOSINE-5'-MONOPHOSPHATE 'C10 H14 N5 O8 P'
U RNA linking URIDINE-5'-MONOPHOSPHATE 'C9 H13 N2 O9 P'
#